data_5OFZ
#
_entry.id   5OFZ
#
_cell.length_a   92.107
_cell.length_b   92.107
_cell.length_c   164.182
_cell.angle_alpha   90.00
_cell.angle_beta   90.00
_cell.angle_gamma   120.00
#
_symmetry.space_group_name_H-M   'P 32 2 1'
#
loop_
_entity.id
_entity.type
_entity.pdbx_description
1 polymer 'Uncharacterized protein'
2 water water
#
_entity_poly.entity_id   1
_entity_poly.type   'polypeptide(L)'
_entity_poly.pdbx_seq_one_letter_code
;MSDWSGSVPANAENGKSTGLILKQGDTISVVAHGWVKYGRDNVEWAAPDGPVPNNPQPSSIATLVAKIANKKFAIGNGVL
HKTVPVDGELILLFNDVPGTFGDNSGEFQVEVIIESRYSPLK
;
_entity_poly.pdbx_strand_id   A,B,C,D
#
# COMPACT_ATOMS: atom_id res chain seq x y z
N ASP A 3 11.84 -5.25 -10.53
CA ASP A 3 12.93 -4.37 -10.08
C ASP A 3 14.05 -5.14 -9.45
N TRP A 4 13.75 -6.26 -8.78
CA TRP A 4 14.78 -7.18 -8.29
C TRP A 4 14.23 -8.59 -8.25
N SER A 5 15.03 -9.53 -8.70
CA SER A 5 14.69 -10.93 -8.49
C SER A 5 15.94 -11.68 -8.11
N GLY A 6 15.78 -12.62 -7.20
CA GLY A 6 16.92 -13.41 -6.78
C GLY A 6 16.54 -14.37 -5.70
N SER A 7 17.55 -14.98 -5.11
CA SER A 7 17.33 -16.02 -4.12
C SER A 7 17.59 -15.47 -2.73
N VAL A 8 16.78 -15.93 -1.78
CA VAL A 8 16.93 -15.56 -0.38
C VAL A 8 17.33 -16.83 0.36
N PRO A 9 18.57 -16.96 0.79
CA PRO A 9 18.98 -18.23 1.43
C PRO A 9 18.45 -18.35 2.84
N ALA A 10 17.99 -19.56 3.18
CA ALA A 10 17.51 -19.81 4.53
C ALA A 10 18.62 -19.76 5.56
N ASN A 11 19.86 -19.96 5.16
CA ASN A 11 20.96 -19.98 6.13
C ASN A 11 21.65 -18.63 6.29
N ALA A 12 21.08 -17.55 5.76
CA ALA A 12 21.68 -16.22 5.83
C ALA A 12 21.03 -15.45 6.99
N GLU A 13 21.72 -15.44 8.13
CA GLU A 13 21.16 -14.81 9.31
C GLU A 13 20.96 -13.33 9.08
N ASN A 14 21.82 -12.70 8.30
CA ASN A 14 21.71 -11.26 8.03
C ASN A 14 20.76 -10.96 6.88
N GLY A 15 20.25 -11.99 6.20
CA GLY A 15 19.33 -11.75 5.10
C GLY A 15 20.06 -11.42 3.80
N LYS A 16 19.26 -11.00 2.83
CA LYS A 16 19.74 -10.74 1.47
C LYS A 16 19.38 -9.31 1.06
N SER A 17 20.40 -8.50 0.78
CA SER A 17 20.18 -7.13 0.31
C SER A 17 19.71 -7.12 -1.15
N THR A 18 18.70 -6.29 -1.46
CA THR A 18 18.20 -6.20 -2.83
C THR A 18 18.74 -5.02 -3.61
N GLY A 19 19.37 -4.06 -2.93
CA GLY A 19 19.79 -2.84 -3.57
C GLY A 19 18.66 -1.87 -3.87
N LEU A 20 17.42 -2.22 -3.56
CA LEU A 20 16.31 -1.30 -3.78
C LEU A 20 16.17 -0.38 -2.58
N ILE A 21 16.27 0.93 -2.82
CA ILE A 21 16.23 1.89 -1.76
C ILE A 21 14.84 2.47 -1.73
N LEU A 22 14.10 2.11 -0.70
CA LEU A 22 12.71 2.49 -0.56
C LEU A 22 12.59 3.75 0.27
N LYS A 23 11.57 4.53 -0.05
CA LYS A 23 11.20 5.70 0.71
C LYS A 23 9.78 5.55 1.23
N GLN A 24 9.53 6.19 2.36
CA GLN A 24 8.18 6.32 2.90
C GLN A 24 7.19 6.75 1.81
N GLY A 25 6.11 5.99 1.64
CA GLY A 25 5.08 6.31 0.67
C GLY A 25 5.23 5.60 -0.66
N ASP A 26 6.40 5.02 -0.94
CA ASP A 26 6.50 4.12 -2.08
C ASP A 26 5.53 2.96 -1.90
N THR A 27 5.15 2.33 -3.01
CA THR A 27 4.43 1.07 -2.93
C THR A 27 5.19 -0.05 -3.65
N ILE A 28 5.05 -1.27 -3.10
CA ILE A 28 5.78 -2.44 -3.56
C ILE A 28 4.88 -3.66 -3.63
N SER A 29 5.28 -4.58 -4.50
CA SER A 29 4.70 -5.91 -4.57
C SER A 29 5.84 -6.91 -4.54
N VAL A 30 5.57 -8.08 -3.95
CA VAL A 30 6.56 -9.13 -3.75
C VAL A 30 5.84 -10.46 -3.92
N VAL A 31 6.49 -11.41 -4.57
CA VAL A 31 6.02 -12.80 -4.56
C VAL A 31 7.22 -13.70 -4.28
N ALA A 32 6.99 -14.77 -3.53
CA ALA A 32 8.07 -15.60 -3.10
C ALA A 32 7.72 -17.06 -3.35
N HIS A 33 8.65 -17.80 -3.91
CA HIS A 33 8.44 -19.21 -4.28
C HIS A 33 9.44 -20.13 -3.60
N GLY A 34 9.03 -21.38 -3.44
CA GLY A 34 9.98 -22.41 -3.02
C GLY A 34 9.90 -22.79 -1.56
N TRP A 35 10.95 -23.53 -1.17
CA TRP A 35 10.97 -24.33 0.04
C TRP A 35 12.34 -24.26 0.70
N VAL A 36 12.34 -24.19 2.02
CA VAL A 36 13.58 -24.20 2.79
C VAL A 36 13.42 -25.10 4.01
N LYS A 37 14.56 -25.43 4.61
CA LYS A 37 14.64 -26.16 5.85
C LYS A 37 15.16 -25.25 6.95
N TYR A 38 14.46 -25.22 8.08
CA TYR A 38 14.92 -24.48 9.24
C TYR A 38 15.51 -25.41 10.30
N GLY A 39 15.76 -26.64 9.92
CA GLY A 39 16.49 -27.59 10.76
C GLY A 39 16.69 -28.86 9.98
N ARG A 40 17.32 -29.82 10.63
CA ARG A 40 17.72 -31.04 9.92
C ARG A 40 16.64 -32.12 9.93
N ASP A 41 15.66 -32.01 10.82
CA ASP A 41 14.63 -33.04 10.89
C ASP A 41 13.76 -33.01 9.63
N ASN A 42 13.26 -34.18 9.25
CA ASN A 42 12.48 -34.31 8.03
C ASN A 42 11.26 -33.42 8.02
N VAL A 43 10.78 -32.97 9.20
CA VAL A 43 9.55 -32.18 9.25
C VAL A 43 9.79 -30.68 9.14
N GLU A 44 11.04 -30.23 9.25
CA GLU A 44 11.34 -28.82 9.46
C GLU A 44 11.47 -28.07 8.13
N TRP A 45 10.37 -28.11 7.39
CA TRP A 45 10.23 -27.41 6.11
C TRP A 45 9.41 -26.14 6.27
N ALA A 46 9.77 -25.12 5.48
CA ALA A 46 8.97 -23.89 5.47
C ALA A 46 8.77 -23.40 4.04
N ALA A 47 7.57 -22.89 3.80
CA ALA A 47 7.31 -21.99 2.67
C ALA A 47 7.57 -20.56 3.11
N PRO A 48 7.54 -19.61 2.19
CA PRO A 48 7.69 -18.22 2.64
C PRO A 48 6.67 -17.83 3.69
N ASP A 49 5.45 -18.38 3.60
CA ASP A 49 4.40 -18.10 4.58
C ASP A 49 4.73 -18.65 5.96
N GLY A 50 5.69 -19.57 6.08
CA GLY A 50 6.08 -20.11 7.36
C GLY A 50 6.19 -21.62 7.38
N PRO A 51 6.42 -22.15 8.57
CA PRO A 51 6.51 -23.61 8.72
C PRO A 51 5.25 -24.30 8.27
N VAL A 52 5.45 -25.47 7.70
CA VAL A 52 4.32 -26.39 7.49
C VAL A 52 3.62 -26.59 8.83
N PRO A 53 2.28 -26.52 8.90
CA PRO A 53 1.61 -26.43 10.20
C PRO A 53 1.55 -27.73 10.98
N ASN A 54 2.17 -28.82 10.52
CA ASN A 54 2.35 -29.99 11.36
C ASN A 54 3.57 -29.87 12.27
N ASN A 55 4.22 -28.69 12.28
CA ASN A 55 5.32 -28.41 13.20
C ASN A 55 5.39 -26.89 13.40
N PRO A 56 4.37 -26.29 14.00
CA PRO A 56 4.31 -24.82 14.07
C PRO A 56 5.33 -24.24 15.02
N GLN A 57 5.72 -23.01 14.71
CA GLN A 57 6.70 -22.22 15.45
C GLN A 57 6.06 -20.92 15.89
N PRO A 58 6.70 -20.14 16.76
CA PRO A 58 6.09 -18.88 17.19
C PRO A 58 5.88 -17.93 16.03
N SER A 59 5.00 -16.95 16.28
CA SER A 59 4.56 -16.01 15.26
C SER A 59 5.73 -15.37 14.53
N SER A 60 5.65 -15.40 13.20
CA SER A 60 6.62 -14.77 12.29
C SER A 60 7.94 -15.52 12.22
N ILE A 61 8.13 -16.54 13.05
CA ILE A 61 9.39 -17.28 13.07
C ILE A 61 9.41 -18.25 11.89
N ALA A 62 10.54 -18.27 11.19
CA ALA A 62 10.72 -19.08 9.99
C ALA A 62 9.66 -18.73 8.93
N THR A 63 9.41 -17.42 8.78
CA THR A 63 8.70 -16.87 7.62
C THR A 63 9.64 -15.91 6.90
N LEU A 64 9.32 -15.65 5.64
CA LEU A 64 9.98 -14.60 4.87
C LEU A 64 9.46 -13.24 5.30
N VAL A 65 10.38 -12.36 5.69
CA VAL A 65 10.07 -11.00 6.07
C VAL A 65 10.96 -10.06 5.26
N ALA A 66 10.53 -8.81 5.22
CA ALA A 66 11.34 -7.72 4.73
C ALA A 66 11.91 -6.99 5.95
N LYS A 67 13.18 -6.63 5.87
CA LYS A 67 13.80 -5.71 6.82
C LYS A 67 13.98 -4.37 6.12
N ILE A 68 13.45 -3.32 6.73
CA ILE A 68 13.66 -1.97 6.25
C ILE A 68 13.99 -1.16 7.48
N ALA A 69 15.14 -0.49 7.48
CA ALA A 69 15.57 0.30 8.63
C ALA A 69 15.61 -0.55 9.90
N ASN A 70 16.06 -1.79 9.71
CA ASN A 70 16.23 -2.80 10.76
C ASN A 70 14.92 -3.23 11.41
N LYS A 71 13.78 -2.92 10.82
CA LYS A 71 12.50 -3.36 11.31
C LYS A 71 11.92 -4.39 10.35
N LYS A 72 11.33 -5.45 10.93
CA LYS A 72 10.78 -6.55 10.13
C LYS A 72 9.33 -6.29 9.75
N PHE A 73 9.01 -6.56 8.48
CA PHE A 73 7.66 -6.43 7.95
C PHE A 73 7.25 -7.74 7.32
N ALA A 74 5.98 -8.11 7.49
CA ALA A 74 5.49 -9.37 6.95
C ALA A 74 5.50 -9.38 5.42
N ILE A 75 5.99 -10.48 4.84
CA ILE A 75 5.90 -10.70 3.40
C ILE A 75 5.28 -12.06 3.14
N GLY A 76 5.88 -13.10 3.69
CA GLY A 76 5.33 -14.43 3.43
C GLY A 76 5.39 -14.77 1.95
N ASN A 77 4.35 -15.44 1.46
CA ASN A 77 4.32 -15.82 0.06
C ASN A 77 4.21 -14.60 -0.86
N GLY A 78 3.80 -13.44 -0.34
CA GLY A 78 3.84 -12.22 -1.12
C GLY A 78 2.91 -11.17 -0.59
N VAL A 79 3.05 -9.96 -1.16
CA VAL A 79 2.17 -8.82 -0.89
C VAL A 79 1.97 -8.07 -2.18
N LEU A 80 0.83 -7.38 -2.30
CA LEU A 80 0.51 -6.63 -3.51
C LEU A 80 0.27 -5.16 -3.16
N HIS A 81 1.03 -4.28 -3.82
CA HIS A 81 0.81 -2.83 -3.77
C HIS A 81 0.66 -2.30 -2.34
N LYS A 82 1.62 -2.65 -1.50
CA LYS A 82 1.62 -2.18 -0.12
C LYS A 82 2.45 -0.92 0.03
N THR A 83 2.00 -0.03 0.90
CA THR A 83 2.69 1.22 1.16
C THR A 83 3.78 1.07 2.20
N VAL A 84 4.98 1.50 1.82
CA VAL A 84 6.16 1.39 2.67
C VAL A 84 6.12 2.51 3.70
N PRO A 85 6.29 2.22 4.99
CA PRO A 85 6.14 3.28 6.01
C PRO A 85 7.41 3.97 6.48
N VAL A 86 8.59 3.45 6.13
CA VAL A 86 9.87 3.99 6.58
C VAL A 86 10.87 3.95 5.42
N ASP A 87 11.86 4.85 5.47
CA ASP A 87 12.95 4.82 4.49
C ASP A 87 13.92 3.67 4.77
N GLY A 88 14.45 3.08 3.72
CA GLY A 88 15.57 2.15 3.86
C GLY A 88 15.72 1.24 2.67
N GLU A 89 16.91 0.64 2.57
CA GLU A 89 17.11 -0.43 1.61
C GLU A 89 16.26 -1.64 1.98
N LEU A 90 15.63 -2.24 0.98
CA LEU A 90 14.89 -3.48 1.19
C LEU A 90 15.86 -4.66 1.34
N ILE A 91 15.84 -5.29 2.51
CA ILE A 91 16.54 -6.53 2.79
C ILE A 91 15.50 -7.62 2.96
N LEU A 92 15.75 -8.79 2.37
CA LEU A 92 14.84 -9.93 2.54
C LEU A 92 15.47 -10.94 3.47
N LEU A 93 14.66 -11.50 4.37
CA LEU A 93 15.20 -12.33 5.44
C LEU A 93 14.30 -13.52 5.71
N PHE A 94 14.88 -14.72 5.80
CA PHE A 94 14.16 -15.85 6.39
C PHE A 94 14.29 -15.72 7.91
N ASN A 95 13.18 -15.44 8.60
CA ASN A 95 13.19 -14.96 9.99
C ASN A 95 13.26 -16.11 11.00
N ASP A 96 14.37 -16.83 10.96
CA ASP A 96 14.63 -17.93 11.88
C ASP A 96 15.29 -17.41 13.15
N VAL A 97 15.52 -18.30 14.10
CA VAL A 97 16.05 -17.91 15.42
C VAL A 97 17.53 -17.61 15.29
N PRO A 98 17.99 -16.44 15.74
CA PRO A 98 19.41 -16.10 15.64
C PRO A 98 20.31 -17.11 16.30
N GLY A 99 21.43 -17.41 15.63
CA GLY A 99 22.34 -18.42 16.10
C GLY A 99 22.03 -19.82 15.65
N THR A 100 20.89 -20.05 14.99
CA THR A 100 20.50 -21.39 14.56
C THR A 100 20.43 -21.51 13.05
N PHE A 101 20.95 -20.53 12.30
CA PHE A 101 20.79 -20.57 10.85
C PHE A 101 21.70 -21.59 10.19
N GLY A 102 22.73 -22.07 10.90
CA GLY A 102 23.72 -22.93 10.29
C GLY A 102 23.18 -24.29 9.87
N ASP A 103 22.09 -24.75 10.48
CA ASP A 103 21.51 -26.02 10.09
C ASP A 103 20.42 -25.86 9.03
N ASN A 104 20.25 -24.66 8.49
CA ASN A 104 19.24 -24.41 7.47
C ASN A 104 19.77 -24.72 6.08
N SER A 105 18.86 -24.95 5.14
CA SER A 105 19.26 -25.15 3.75
C SER A 105 18.14 -24.72 2.82
N GLY A 106 18.49 -24.55 1.55
CA GLY A 106 17.55 -24.12 0.55
C GLY A 106 17.45 -22.61 0.46
N GLU A 107 16.67 -22.18 -0.52
CA GLU A 107 16.50 -20.74 -0.70
C GLU A 107 15.14 -20.51 -1.37
N PHE A 108 14.56 -19.35 -1.11
CA PHE A 108 13.36 -18.93 -1.80
C PHE A 108 13.75 -18.14 -3.04
N GLN A 109 12.93 -18.25 -4.08
CA GLN A 109 13.07 -17.43 -5.28
C GLN A 109 12.08 -16.29 -5.16
N VAL A 110 12.58 -15.04 -5.13
CA VAL A 110 11.73 -13.89 -4.79
C VAL A 110 11.81 -12.85 -5.89
N GLU A 111 10.67 -12.22 -6.16
CA GLU A 111 10.55 -11.13 -7.12
C GLU A 111 9.93 -9.93 -6.41
N VAL A 112 10.55 -8.76 -6.60
CA VAL A 112 10.12 -7.50 -6.02
C VAL A 112 9.90 -6.49 -7.15
N ILE A 113 8.77 -5.81 -7.09
CA ILE A 113 8.45 -4.70 -8.00
C ILE A 113 8.14 -3.47 -7.18
N ILE A 114 8.81 -2.37 -7.49
CA ILE A 114 8.45 -1.08 -6.94
C ILE A 114 7.31 -0.56 -7.79
N GLU A 115 6.10 -0.58 -7.24
CA GLU A 115 4.91 -0.23 -8.02
C GLU A 115 4.77 1.27 -8.22
N SER A 116 5.21 2.07 -7.25
CA SER A 116 5.24 3.51 -7.42
C SER A 116 6.22 4.12 -6.43
N ARG A 117 6.75 5.27 -6.82
CA ARG A 117 7.58 6.12 -5.98
C ARG A 117 6.73 7.28 -5.46
N TYR A 118 6.89 7.57 -4.17
CA TYR A 118 6.00 8.51 -3.50
C TYR A 118 5.97 9.86 -4.19
N SER A 119 4.78 10.27 -4.59
CA SER A 119 4.56 11.60 -5.12
C SER A 119 3.11 11.95 -4.85
N PRO A 120 2.82 12.87 -3.94
CA PRO A 120 1.43 13.16 -3.61
C PRO A 120 0.79 14.09 -4.63
N LEU A 121 -0.52 13.97 -4.74
CA LEU A 121 -1.26 15.08 -5.35
C LEU A 121 -1.00 16.33 -4.53
N LYS A 122 -0.83 17.46 -5.21
CA LYS A 122 -0.66 18.73 -4.49
C LYS A 122 -1.32 19.88 -5.26
N ASP B 3 -9.10 -6.54 -6.84
CA ASP B 3 -10.21 -6.81 -7.72
C ASP B 3 -11.04 -7.98 -7.25
N TRP B 4 -10.38 -9.05 -6.76
CA TRP B 4 -11.05 -10.15 -6.10
C TRP B 4 -10.18 -10.68 -4.97
N SER B 5 -10.81 -10.98 -3.85
CA SER B 5 -10.11 -11.71 -2.80
C SER B 5 -11.07 -12.71 -2.18
N GLY B 6 -10.55 -13.87 -1.85
CA GLY B 6 -11.42 -14.89 -1.29
C GLY B 6 -10.66 -16.16 -1.07
N SER B 7 -11.41 -17.19 -0.75
CA SER B 7 -10.81 -18.47 -0.38
C SER B 7 -10.96 -19.44 -1.54
N VAL B 8 -9.94 -20.27 -1.74
CA VAL B 8 -9.93 -21.29 -2.77
C VAL B 8 -9.85 -22.64 -2.06
N PRO B 9 -10.95 -23.39 -2.00
CA PRO B 9 -10.96 -24.64 -1.22
C PRO B 9 -10.22 -25.78 -1.90
N ALA B 10 -9.44 -26.52 -1.11
CA ALA B 10 -8.70 -27.64 -1.65
C ALA B 10 -9.61 -28.75 -2.13
N ASN B 11 -10.81 -28.83 -1.58
CA ASN B 11 -11.70 -29.95 -1.91
C ASN B 11 -12.64 -29.65 -3.06
N ALA B 12 -12.44 -28.54 -3.77
CA ALA B 12 -13.34 -28.13 -4.87
C ALA B 12 -12.71 -28.55 -6.19
N GLU B 13 -13.16 -29.68 -6.73
CA GLU B 13 -12.58 -30.19 -7.99
C GLU B 13 -12.81 -29.23 -9.15
N ASN B 14 -13.93 -28.49 -9.16
CA ASN B 14 -14.20 -27.53 -10.24
C ASN B 14 -13.54 -26.19 -10.02
N GLY B 15 -12.91 -25.97 -8.86
CA GLY B 15 -12.31 -24.71 -8.58
C GLY B 15 -13.31 -23.67 -8.13
N LYS B 16 -12.82 -22.42 -8.07
CA LYS B 16 -13.54 -21.28 -7.53
C LYS B 16 -13.58 -20.17 -8.58
N SER B 17 -14.80 -19.81 -9.00
CA SER B 17 -14.98 -18.71 -9.94
C SER B 17 -14.77 -17.38 -9.24
N THR B 18 -14.05 -16.46 -9.90
CA THR B 18 -13.80 -15.15 -9.32
C THR B 18 -14.72 -14.08 -9.84
N GLY B 19 -15.43 -14.35 -10.94
CA GLY B 19 -16.21 -13.33 -11.57
C GLY B 19 -15.43 -12.32 -12.37
N LEU B 20 -14.10 -12.37 -12.35
CA LEU B 20 -13.31 -11.45 -13.18
C LEU B 20 -13.23 -11.98 -14.61
N ILE B 21 -13.70 -11.19 -15.55
CA ILE B 21 -13.74 -11.57 -16.96
C ILE B 21 -12.51 -10.98 -17.63
N LEU B 22 -11.53 -11.82 -17.92
CA LEU B 22 -10.27 -11.37 -18.48
C LEU B 22 -10.29 -11.46 -19.99
N LYS B 23 -9.58 -10.53 -20.63
CA LYS B 23 -9.35 -10.55 -22.07
C LYS B 23 -7.87 -10.72 -22.35
N GLN B 24 -7.59 -11.34 -23.49
CA GLN B 24 -6.23 -11.45 -24.00
C GLN B 24 -5.58 -10.08 -23.99
N GLY B 25 -4.39 -10.01 -23.38
CA GLY B 25 -3.62 -8.81 -23.30
C GLY B 25 -3.79 -8.03 -22.00
N ASP B 26 -4.79 -8.37 -21.20
CA ASP B 26 -4.85 -7.84 -19.84
C ASP B 26 -3.63 -8.31 -19.08
N THR B 27 -3.26 -7.60 -18.02
CA THR B 27 -2.27 -8.12 -17.10
C THR B 27 -2.81 -8.22 -15.68
N ILE B 28 -2.36 -9.25 -14.95
CA ILE B 28 -2.83 -9.54 -13.60
C ILE B 28 -1.68 -9.85 -12.66
N SER B 29 -1.95 -9.64 -11.37
CA SER B 29 -1.09 -10.10 -10.28
C SER B 29 -1.93 -10.90 -9.30
N VAL B 30 -1.31 -11.92 -8.69
CA VAL B 30 -2.00 -12.81 -7.74
C VAL B 30 -1.01 -13.10 -6.62
N VAL B 31 -1.49 -13.10 -5.37
CA VAL B 31 -0.76 -13.70 -4.26
C VAL B 31 -1.65 -14.65 -3.50
N ALA B 32 -1.08 -15.76 -3.04
CA ALA B 32 -1.85 -16.81 -2.41
C ALA B 32 -1.17 -17.22 -1.11
N HIS B 33 -1.95 -17.30 -0.05
CA HIS B 33 -1.46 -17.65 1.28
C HIS B 33 -2.12 -18.92 1.82
N GLY B 34 -1.39 -19.58 2.71
CA GLY B 34 -1.99 -20.61 3.52
C GLY B 34 -1.61 -22.01 3.10
N TRP B 35 -2.38 -22.94 3.63
CA TRP B 35 -2.03 -24.35 3.66
C TRP B 35 -3.28 -25.19 3.46
N VAL B 36 -3.14 -26.28 2.70
CA VAL B 36 -4.22 -27.24 2.51
C VAL B 36 -3.68 -28.66 2.64
N LYS B 37 -4.60 -29.61 2.80
CA LYS B 37 -4.30 -31.03 2.78
C LYS B 37 -4.82 -31.63 1.49
N TYR B 38 -3.98 -32.39 0.79
CA TYR B 38 -4.43 -33.16 -0.36
C TYR B 38 -4.64 -34.62 -0.03
N GLY B 39 -4.62 -34.96 1.25
CA GLY B 39 -4.94 -36.32 1.69
C GLY B 39 -4.96 -36.32 3.20
N ARG B 40 -5.33 -37.46 3.76
CA ARG B 40 -5.53 -37.52 5.20
C ARG B 40 -4.24 -37.74 5.96
N ASP B 41 -3.16 -38.17 5.30
CA ASP B 41 -1.92 -38.45 5.99
C ASP B 41 -1.31 -37.17 6.55
N ASN B 42 -0.54 -37.31 7.63
CA ASN B 42 0.05 -36.16 8.30
C ASN B 42 1.04 -35.42 7.39
N VAL B 43 1.57 -36.09 6.35
CA VAL B 43 2.55 -35.44 5.49
C VAL B 43 1.93 -34.73 4.29
N GLU B 44 0.65 -34.94 4.02
CA GLU B 44 0.07 -34.53 2.73
C GLU B 44 -0.44 -33.09 2.78
N TRP B 45 0.50 -32.18 3.07
CA TRP B 45 0.30 -30.73 3.10
C TRP B 45 0.79 -30.10 1.81
N ALA B 46 0.10 -29.03 1.40
CA ALA B 46 0.55 -28.24 0.26
C ALA B 46 0.41 -26.76 0.56
N ALA B 47 1.41 -26.00 0.11
CA ALA B 47 1.31 -24.57 -0.09
C ALA B 47 0.77 -24.30 -1.48
N PRO B 48 0.46 -23.06 -1.81
CA PRO B 48 0.04 -22.79 -3.20
C PRO B 48 1.06 -23.27 -4.23
N ASP B 49 2.34 -23.14 -3.93
CA ASP B 49 3.41 -23.61 -4.81
C ASP B 49 3.42 -25.12 -4.96
N GLY B 50 2.75 -25.84 -4.09
CA GLY B 50 2.66 -27.28 -4.23
C GLY B 50 2.95 -28.06 -2.97
N PRO B 51 3.03 -29.37 -3.12
CA PRO B 51 3.29 -30.25 -1.98
C PRO B 51 4.62 -29.93 -1.30
N VAL B 52 4.61 -30.09 0.01
CA VAL B 52 5.87 -30.03 0.74
C VAL B 52 6.80 -31.06 0.15
N PRO B 53 8.07 -30.73 -0.14
CA PRO B 53 8.90 -31.63 -0.95
C PRO B 53 9.31 -32.90 -0.24
N ASN B 54 8.92 -33.15 1.01
CA ASN B 54 9.17 -34.45 1.60
C ASN B 54 8.15 -35.50 1.16
N ASN B 55 7.26 -35.14 0.25
CA ASN B 55 6.29 -36.05 -0.35
C ASN B 55 5.89 -35.49 -1.70
N PRO B 56 6.82 -35.44 -2.65
CA PRO B 56 6.56 -34.75 -3.91
C PRO B 56 5.54 -35.50 -4.76
N GLN B 57 4.82 -34.73 -5.58
CA GLN B 57 3.84 -35.26 -6.51
C GLN B 57 4.26 -34.89 -7.92
N PRO B 58 3.58 -35.39 -8.95
CA PRO B 58 3.91 -35.00 -10.33
C PRO B 58 3.72 -33.51 -10.59
N SER B 59 4.42 -33.04 -11.63
CA SER B 59 4.45 -31.63 -12.01
C SER B 59 3.05 -31.03 -12.08
N SER B 60 2.88 -29.91 -11.40
CA SER B 60 1.68 -29.07 -11.34
C SER B 60 0.59 -29.70 -10.48
N ILE B 61 0.73 -30.95 -10.03
CA ILE B 61 -0.30 -31.60 -9.24
C ILE B 61 -0.28 -31.06 -7.82
N ALA B 62 -1.45 -30.73 -7.31
CA ALA B 62 -1.61 -30.18 -5.97
C ALA B 62 -0.89 -28.83 -5.84
N THR B 63 -0.99 -28.02 -6.90
CA THR B 63 -0.58 -26.62 -6.86
C THR B 63 -1.80 -25.75 -7.15
N LEU B 64 -1.71 -24.48 -6.75
CA LEU B 64 -2.70 -23.49 -7.17
C LEU B 64 -2.46 -23.09 -8.62
N VAL B 65 -3.50 -23.23 -9.45
CA VAL B 65 -3.43 -22.82 -10.83
C VAL B 65 -4.61 -21.89 -11.14
N ALA B 66 -4.46 -21.14 -12.21
CA ALA B 66 -5.57 -20.42 -12.80
C ALA B 66 -6.15 -21.21 -13.96
N LYS B 67 -7.48 -21.24 -14.06
CA LYS B 67 -8.15 -21.73 -15.25
C LYS B 67 -8.74 -20.55 -15.98
N ILE B 68 -8.43 -20.43 -17.27
CA ILE B 68 -9.05 -19.44 -18.12
C ILE B 68 -9.40 -20.12 -19.41
N ALA B 69 -10.65 -20.07 -19.77
CA ALA B 69 -11.12 -20.77 -20.97
C ALA B 69 -10.80 -22.27 -20.90
N ASN B 70 -10.94 -22.86 -19.72
CA ASN B 70 -10.60 -24.22 -19.44
C ASN B 70 -9.12 -24.63 -19.65
N LYS B 71 -8.19 -23.68 -19.67
CA LYS B 71 -6.79 -23.95 -19.81
C LYS B 71 -6.18 -23.56 -18.47
N LYS B 72 -5.23 -24.35 -18.02
CA LYS B 72 -4.58 -24.15 -16.73
C LYS B 72 -3.29 -23.40 -16.89
N PHE B 73 -3.05 -22.44 -15.98
CA PHE B 73 -1.83 -21.65 -15.97
C PHE B 73 -1.27 -21.67 -14.56
N ALA B 74 0.05 -21.77 -14.46
CA ALA B 74 0.68 -21.81 -13.15
C ALA B 74 0.47 -20.49 -12.40
N ILE B 75 0.17 -20.60 -11.11
CA ILE B 75 0.10 -19.43 -10.22
C ILE B 75 0.96 -19.71 -9.00
N GLY B 76 0.67 -20.79 -8.29
CA GLY B 76 1.46 -21.05 -7.10
C GLY B 76 1.28 -19.98 -6.05
N ASN B 77 2.36 -19.68 -5.33
CA ASN B 77 2.29 -18.64 -4.30
C ASN B 77 1.97 -17.27 -4.86
N GLY B 78 2.18 -17.04 -6.16
CA GLY B 78 1.67 -15.83 -6.79
C GLY B 78 2.44 -15.52 -8.06
N VAL B 79 1.92 -14.52 -8.79
CA VAL B 79 2.56 -14.00 -9.99
C VAL B 79 2.38 -12.49 -10.01
N LEU B 80 3.31 -11.79 -10.65
CA LEU B 80 3.25 -10.33 -10.76
C LEU B 80 3.15 -9.89 -12.22
N HIS B 81 2.15 -9.06 -12.52
CA HIS B 81 2.03 -8.37 -13.81
C HIS B 81 2.22 -9.32 -15.00
N LYS B 82 1.47 -10.43 -14.98
CA LYS B 82 1.54 -11.41 -16.08
C LYS B 82 0.46 -11.13 -17.12
N THR B 83 0.81 -11.36 -18.38
CA THR B 83 -0.13 -11.12 -19.47
C THR B 83 -1.04 -12.32 -19.63
N VAL B 84 -2.33 -12.04 -19.78
CA VAL B 84 -3.36 -13.06 -19.96
C VAL B 84 -3.33 -13.48 -21.43
N PRO B 85 -3.17 -14.78 -21.76
CA PRO B 85 -3.07 -15.14 -23.18
C PRO B 85 -4.38 -15.49 -23.87
N VAL B 86 -5.48 -15.65 -23.13
CA VAL B 86 -6.76 -16.06 -23.69
C VAL B 86 -7.87 -15.32 -22.94
N ASP B 87 -9.00 -15.12 -23.64
CA ASP B 87 -10.21 -14.57 -23.04
C ASP B 87 -10.85 -15.58 -22.10
N GLY B 88 -11.41 -15.10 -20.99
CA GLY B 88 -12.24 -15.95 -20.16
C GLY B 88 -12.36 -15.45 -18.75
N GLU B 89 -13.35 -16.01 -18.05
CA GLU B 89 -13.46 -15.75 -16.62
C GLU B 89 -12.31 -16.42 -15.89
N LEU B 90 -11.73 -15.71 -14.92
CA LEU B 90 -10.69 -16.31 -14.10
C LEU B 90 -11.28 -17.25 -13.05
N ILE B 91 -10.87 -18.51 -13.08
CA ILE B 91 -11.22 -19.52 -12.10
C ILE B 91 -9.93 -19.92 -11.40
N LEU B 92 -9.97 -20.09 -10.08
CA LEU B 92 -8.81 -20.53 -9.31
C LEU B 92 -9.05 -21.95 -8.83
N LEU B 93 -8.01 -22.79 -8.94
CA LEU B 93 -8.15 -24.24 -8.76
C LEU B 93 -6.95 -24.81 -8.03
N PHE B 94 -7.22 -25.62 -7.00
CA PHE B 94 -6.19 -26.49 -6.42
C PHE B 94 -6.11 -27.72 -7.31
N ASN B 95 -5.00 -27.85 -8.03
CA ASN B 95 -4.93 -28.77 -9.17
C ASN B 95 -4.58 -30.20 -8.75
N ASP B 96 -5.46 -30.79 -7.94
CA ASP B 96 -5.27 -32.16 -7.48
C ASP B 96 -5.80 -33.15 -8.50
N VAL B 97 -5.62 -34.44 -8.20
CA VAL B 97 -5.98 -35.50 -9.14
C VAL B 97 -7.50 -35.66 -9.18
N PRO B 98 -8.14 -35.59 -10.36
CA PRO B 98 -9.60 -35.68 -10.42
C PRO B 98 -10.12 -36.96 -9.76
N GLY B 99 -11.23 -36.82 -9.02
CA GLY B 99 -11.81 -37.91 -8.28
C GLY B 99 -11.26 -38.12 -6.89
N THR B 100 -10.21 -37.38 -6.49
CA THR B 100 -9.60 -37.56 -5.18
C THR B 100 -9.73 -36.33 -4.30
N PHE B 101 -10.58 -35.37 -4.66
CA PHE B 101 -10.72 -34.16 -3.88
C PHE B 101 -11.48 -34.35 -2.58
N GLY B 102 -12.21 -35.46 -2.43
CA GLY B 102 -13.04 -35.62 -1.25
C GLY B 102 -12.28 -35.81 0.04
N ASP B 103 -11.00 -36.16 -0.02
CA ASP B 103 -10.19 -36.29 1.19
C ASP B 103 -9.33 -35.06 1.45
N ASN B 104 -9.58 -33.96 0.73
CA ASN B 104 -8.85 -32.71 0.89
C ASN B 104 -9.53 -31.84 1.94
N SER B 105 -8.76 -30.93 2.52
CA SER B 105 -9.32 -29.98 3.48
C SER B 105 -8.50 -28.71 3.46
N GLY B 106 -9.09 -27.65 3.99
CA GLY B 106 -8.42 -26.36 4.06
C GLY B 106 -8.68 -25.55 2.81
N GLU B 107 -8.20 -24.31 2.84
CA GLU B 107 -8.39 -23.41 1.72
C GLU B 107 -7.26 -22.41 1.71
N PHE B 108 -6.86 -21.96 0.51
CA PHE B 108 -5.93 -20.84 0.38
C PHE B 108 -6.69 -19.52 0.40
N GLN B 109 -6.04 -18.47 0.92
CA GLN B 109 -6.56 -17.11 0.86
C GLN B 109 -5.84 -16.39 -0.26
N VAL B 110 -6.57 -15.91 -1.27
CA VAL B 110 -5.97 -15.48 -2.52
C VAL B 110 -6.45 -14.07 -2.83
N GLU B 111 -5.53 -13.23 -3.33
CA GLU B 111 -5.83 -11.87 -3.78
C GLU B 111 -5.46 -11.76 -5.26
N VAL B 112 -6.33 -11.13 -6.05
CA VAL B 112 -6.13 -10.94 -7.48
C VAL B 112 -6.30 -9.47 -7.80
N ILE B 113 -5.36 -8.91 -8.53
CA ILE B 113 -5.46 -7.55 -9.03
C ILE B 113 -5.38 -7.59 -10.54
N ILE B 114 -6.34 -6.94 -11.21
CA ILE B 114 -6.19 -6.72 -12.64
C ILE B 114 -5.32 -5.47 -12.79
N GLU B 115 -4.07 -5.67 -13.22
CA GLU B 115 -3.14 -4.55 -13.29
C GLU B 115 -3.43 -3.63 -14.47
N SER B 116 -3.87 -4.21 -15.60
CA SER B 116 -4.24 -3.38 -16.73
C SER B 116 -5.18 -4.15 -17.66
N ARG B 117 -6.00 -3.39 -18.37
CA ARG B 117 -6.85 -3.90 -19.44
C ARG B 117 -6.24 -3.61 -20.80
N TYR B 118 -6.29 -4.61 -21.67
CA TYR B 118 -5.58 -4.51 -22.94
C TYR B 118 -5.96 -3.27 -23.73
N SER B 119 -4.95 -2.47 -24.00
CA SER B 119 -5.08 -1.37 -24.95
C SER B 119 -3.74 -1.15 -25.62
N PRO B 120 -3.61 -1.34 -26.93
CA PRO B 120 -2.29 -1.18 -27.55
C PRO B 120 -2.00 0.26 -27.89
N LEU B 121 -0.70 0.59 -27.94
CA LEU B 121 -0.30 1.79 -28.65
C LEU B 121 -0.77 1.68 -30.08
N LYS B 122 -1.18 2.79 -30.67
CA LYS B 122 -1.65 2.76 -32.06
C LYS B 122 -1.38 4.09 -32.77
N ASP C 3 -3.36 26.76 25.95
CA ASP C 3 -4.31 26.87 24.84
C ASP C 3 -5.04 25.56 24.61
N TRP C 4 -4.35 24.43 24.82
CA TRP C 4 -4.99 23.13 24.77
C TRP C 4 -4.25 22.18 25.70
N SER C 5 -5.01 21.36 26.43
CA SER C 5 -4.37 20.27 27.15
C SER C 5 -5.30 19.07 27.10
N GLY C 6 -4.70 17.88 26.98
CA GLY C 6 -5.53 16.71 26.85
C GLY C 6 -4.68 15.49 26.64
N SER C 7 -5.35 14.39 26.31
CA SER C 7 -4.67 13.12 26.18
C SER C 7 -4.53 12.77 24.70
N VAL C 8 -3.43 12.12 24.37
CA VAL C 8 -3.16 11.62 23.02
C VAL C 8 -3.07 10.10 23.11
N PRO C 9 -4.09 9.36 22.63
CA PRO C 9 -4.08 7.90 22.77
C PRO C 9 -3.10 7.23 21.81
N ALA C 10 -2.39 6.24 22.33
CA ALA C 10 -1.45 5.51 21.49
C ALA C 10 -2.16 4.72 20.39
N ASN C 11 -3.43 4.39 20.57
CA ASN C 11 -4.14 3.55 19.61
C ASN C 11 -4.93 4.35 18.58
N ALA C 12 -4.79 5.68 18.58
CA ALA C 12 -5.49 6.53 17.61
C ALA C 12 -4.61 6.74 16.38
N GLU C 13 -4.91 5.98 15.32
CA GLU C 13 -4.14 6.09 14.07
C GLU C 13 -4.29 7.44 13.40
N ASN C 14 -5.39 8.14 13.65
CA ASN C 14 -5.64 9.46 13.10
C ASN C 14 -5.24 10.56 14.07
N GLY C 15 -4.71 10.21 15.22
CA GLY C 15 -4.25 11.20 16.16
C GLY C 15 -5.39 11.88 16.91
N LYS C 16 -5.02 12.97 17.57
CA LYS C 16 -5.94 13.72 18.42
C LYS C 16 -5.97 15.15 17.94
N SER C 17 -7.13 15.58 17.46
CA SER C 17 -7.32 16.97 17.01
C SER C 17 -7.43 17.90 18.21
N THR C 18 -6.64 18.97 18.21
CA THR C 18 -6.64 19.91 19.33
C THR C 18 -7.64 21.03 19.15
N GLY C 19 -8.17 21.22 17.94
CA GLY C 19 -8.97 22.38 17.65
C GLY C 19 -8.21 23.68 17.49
N LEU C 20 -6.89 23.66 17.66
CA LEU C 20 -6.08 24.85 17.45
C LEU C 20 -5.77 25.00 15.97
N ILE C 21 -6.22 26.11 15.38
CA ILE C 21 -6.00 26.39 13.97
C ILE C 21 -4.78 27.30 13.87
N LEU C 22 -3.67 26.74 13.43
CA LEU C 22 -2.40 27.45 13.33
C LEU C 22 -2.21 28.06 11.94
N LYS C 23 -1.50 29.18 11.92
CA LYS C 23 -1.05 29.81 10.69
C LYS C 23 0.47 29.78 10.61
N GLN C 24 0.99 29.71 9.39
CA GLN C 24 2.40 29.91 9.12
C GLN C 24 2.92 31.15 9.86
N GLY C 25 3.98 30.96 10.64
CA GLY C 25 4.61 32.03 11.37
C GLY C 25 4.17 32.17 12.81
N ASP C 26 3.09 31.50 13.19
CA ASP C 26 2.77 31.35 14.61
C ASP C 26 3.93 30.64 15.29
N THR C 27 4.06 30.81 16.60
CA THR C 27 5.00 29.99 17.35
C THR C 27 4.26 29.22 18.46
N ILE C 28 4.75 28.02 18.78
CA ILE C 28 4.09 27.16 19.76
C ILE C 28 5.11 26.52 20.67
N SER C 29 4.62 26.12 21.84
CA SER C 29 5.34 25.27 22.78
C SER C 29 4.45 24.11 23.17
N VAL C 30 5.08 22.97 23.41
CA VAL C 30 4.40 21.72 23.74
C VAL C 30 5.23 21.02 24.79
N VAL C 31 4.57 20.42 25.79
CA VAL C 31 5.23 19.45 26.65
C VAL C 31 4.32 18.23 26.75
N ALA C 32 4.93 17.05 26.80
CA ALA C 32 4.18 15.79 26.78
C ALA C 32 4.71 14.88 27.87
N HIS C 33 3.79 14.27 28.61
CA HIS C 33 4.12 13.42 29.75
C HIS C 33 3.56 12.01 29.57
N GLY C 34 4.19 11.05 30.22
CA GLY C 34 3.58 9.75 30.37
C GLY C 34 4.14 8.70 29.43
N TRP C 35 3.36 7.62 29.32
CA TRP C 35 3.85 6.33 28.85
C TRP C 35 2.75 5.64 28.06
N VAL C 36 3.13 5.00 26.95
CA VAL C 36 2.22 4.20 26.14
C VAL C 36 2.92 2.90 25.75
N LYS C 37 2.12 1.95 25.28
CA LYS C 37 2.61 0.72 24.67
C LYS C 37 2.29 0.75 23.19
N TYR C 38 3.27 0.38 22.39
CA TYR C 38 3.08 0.22 20.96
C TYR C 38 3.03 -1.25 20.57
N GLY C 39 3.01 -2.13 21.56
CA GLY C 39 2.79 -3.54 21.32
C GLY C 39 2.54 -4.22 22.64
N ARG C 40 2.27 -5.53 22.58
CA ARG C 40 1.88 -6.26 23.77
C ARG C 40 3.07 -6.82 24.54
N ASP C 41 4.26 -6.86 23.94
CA ASP C 41 5.42 -7.37 24.66
C ASP C 41 5.80 -6.42 25.79
N ASN C 42 6.37 -6.99 26.85
CA ASN C 42 6.74 -6.21 28.02
C ASN C 42 7.74 -5.10 27.70
N VAL C 43 8.42 -5.17 26.56
CA VAL C 43 9.46 -4.21 26.24
C VAL C 43 8.96 -3.06 25.38
N GLU C 44 7.74 -3.15 24.86
CA GLU C 44 7.28 -2.23 23.82
C GLU C 44 6.60 -1.01 24.43
N TRP C 45 7.39 -0.29 25.21
CA TRP C 45 6.97 0.94 25.89
C TRP C 45 7.55 2.15 25.17
N ALA C 46 6.81 3.24 25.16
CA ALA C 46 7.34 4.49 24.62
C ALA C 46 7.01 5.67 25.52
N ALA C 47 7.96 6.58 25.61
CA ALA C 47 7.73 7.95 26.05
C ALA C 47 7.37 8.78 24.84
N PRO C 48 6.96 10.02 25.02
CA PRO C 48 6.74 10.85 23.83
C PRO C 48 7.96 10.91 22.92
N ASP C 49 9.16 11.00 23.53
CA ASP C 49 10.40 11.01 22.76
C ASP C 49 10.60 9.78 21.90
N GLY C 50 9.96 8.66 22.24
CA GLY C 50 10.05 7.46 21.46
C GLY C 50 10.18 6.19 22.28
N PRO C 51 10.40 5.09 21.58
CA PRO C 51 10.60 3.80 22.24
C PRO C 51 11.74 3.84 23.23
N VAL C 52 11.60 3.07 24.30
CA VAL C 52 12.74 2.85 25.19
C VAL C 52 13.87 2.24 24.37
N PRO C 53 15.13 2.68 24.53
CA PRO C 53 16.19 2.28 23.60
C PRO C 53 16.61 0.82 23.69
N ASN C 54 16.04 0.02 24.57
CA ASN C 54 16.35 -1.41 24.52
C ASN C 54 15.50 -2.12 23.46
N ASN C 55 14.70 -1.39 22.71
CA ASN C 55 13.93 -1.95 21.59
C ASN C 55 13.66 -0.84 20.59
N PRO C 56 14.71 -0.31 19.97
CA PRO C 56 14.54 0.87 19.10
C PRO C 56 13.75 0.54 17.84
N GLN C 57 13.17 1.58 17.26
CA GLN C 57 12.37 1.51 16.04
C GLN C 57 12.90 2.50 15.05
N PRO C 58 12.46 2.44 13.79
CA PRO C 58 12.99 3.38 12.81
C PRO C 58 12.71 4.83 13.18
N SER C 59 13.46 5.74 12.56
CA SER C 59 13.36 7.16 12.87
C SER C 59 11.92 7.65 12.87
N SER C 60 11.55 8.34 13.97
CA SER C 60 10.24 8.95 14.21
C SER C 60 9.11 7.97 14.52
N ILE C 61 9.34 6.66 14.39
CA ILE C 61 8.29 5.69 14.68
C ILE C 61 8.09 5.58 16.19
N ALA C 62 6.82 5.51 16.60
CA ALA C 62 6.44 5.40 18.01
C ALA C 62 6.96 6.60 18.80
N THR C 63 6.96 7.76 18.15
CA THR C 63 7.20 9.05 18.80
C THR C 63 5.95 9.92 18.69
N LEU C 64 5.84 10.88 19.59
CA LEU C 64 4.81 11.90 19.46
C LEU C 64 5.20 12.91 18.39
N VAL C 65 4.31 13.14 17.43
CA VAL C 65 4.55 14.11 16.39
C VAL C 65 3.37 15.06 16.30
N ALA C 66 3.59 16.16 15.58
CA ALA C 66 2.54 17.09 15.20
C ALA C 66 2.23 16.92 13.72
N LYS C 67 0.95 16.74 13.41
CA LYS C 67 0.45 16.77 12.03
C LYS C 67 -0.22 18.11 11.81
N ILE C 68 0.25 18.85 10.81
CA ILE C 68 -0.36 20.09 10.39
C ILE C 68 -0.45 20.04 8.87
N ALA C 69 -1.67 20.14 8.35
CA ALA C 69 -1.90 20.03 6.90
C ALA C 69 -1.27 18.74 6.37
N ASN C 70 -1.51 17.66 7.09
CA ASN C 70 -1.05 16.32 6.76
C ASN C 70 0.49 16.18 6.69
N LYS C 71 1.25 17.22 7.06
CA LYS C 71 2.69 17.06 7.21
C LYS C 71 3.05 16.89 8.68
N LYS C 72 4.15 16.17 8.95
CA LYS C 72 4.50 15.70 10.28
C LYS C 72 5.77 16.38 10.76
N PHE C 73 5.75 16.81 12.02
CA PHE C 73 6.88 17.47 12.67
C PHE C 73 7.17 16.79 13.98
N ALA C 74 8.46 16.71 14.32
CA ALA C 74 8.87 16.11 15.59
C ALA C 74 8.41 16.95 16.78
N ILE C 75 7.91 16.28 17.82
CA ILE C 75 7.58 16.93 19.08
C ILE C 75 8.27 16.17 20.22
N GLY C 76 8.07 14.86 20.29
CA GLY C 76 8.67 14.12 21.41
C GLY C 76 8.18 14.64 22.75
N ASN C 77 9.10 14.68 23.73
CA ASN C 77 8.75 15.11 25.07
C ASN C 77 8.36 16.58 25.09
N GLY C 78 8.71 17.33 24.05
CA GLY C 78 8.27 18.70 23.97
C GLY C 78 9.17 19.56 23.11
N VAL C 79 8.65 20.75 22.78
CA VAL C 79 9.37 21.79 22.03
C VAL C 79 9.02 23.14 22.60
N LEU C 80 9.96 24.08 22.52
CA LEU C 80 9.76 25.42 23.02
C LEU C 80 9.84 26.46 21.90
N HIS C 81 8.80 27.31 21.82
CA HIS C 81 8.82 28.49 20.95
C HIS C 81 9.26 28.16 19.53
N LYS C 82 8.60 27.19 18.92
CA LYS C 82 8.92 26.76 17.55
C LYS C 82 7.99 27.42 16.53
N THR C 83 8.55 27.83 15.39
CA THR C 83 7.76 28.47 14.35
C THR C 83 7.01 27.44 13.50
N VAL C 84 5.73 27.72 13.27
CA VAL C 84 4.85 26.84 12.51
C VAL C 84 5.07 27.13 11.02
N PRO C 85 5.45 26.15 10.21
CA PRO C 85 5.79 26.48 8.81
C PRO C 85 4.65 26.39 7.81
N VAL C 86 3.48 25.89 8.22
CA VAL C 86 2.34 25.70 7.32
C VAL C 86 1.06 25.98 8.09
N ASP C 87 0.03 26.38 7.35
CA ASP C 87 -1.31 26.57 7.90
C ASP C 87 -1.98 25.23 8.20
N GLY C 88 -2.68 25.15 9.33
CA GLY C 88 -3.60 24.05 9.52
C GLY C 88 -3.93 23.79 10.97
N GLU C 89 -4.92 22.92 11.18
CA GLU C 89 -5.24 22.46 12.52
C GLU C 89 -4.10 21.61 13.07
N LEU C 90 -3.74 21.83 14.34
CA LEU C 90 -2.75 20.99 15.00
C LEU C 90 -3.37 19.67 15.41
N ILE C 91 -2.86 18.58 14.86
CA ILE C 91 -3.21 17.22 15.26
C ILE C 91 -1.98 16.61 15.94
N LEU C 92 -2.18 16.01 17.11
CA LEU C 92 -1.09 15.33 17.81
C LEU C 92 -1.24 13.83 17.62
N LEU C 93 -0.15 13.18 17.26
CA LEU C 93 -0.20 11.80 16.79
C LEU C 93 0.91 10.98 17.44
N PHE C 94 0.56 9.80 17.98
CA PHE C 94 1.55 8.78 18.28
C PHE C 94 1.90 8.08 16.98
N ASN C 95 3.10 8.32 16.47
CA ASN C 95 3.45 8.01 15.07
C ASN C 95 3.90 6.55 14.95
N ASP C 96 2.98 5.64 15.21
CA ASP C 96 3.26 4.22 15.10
C ASP C 96 3.16 3.79 13.63
N VAL C 97 3.63 2.58 13.35
CA VAL C 97 3.55 2.03 12.00
C VAL C 97 2.09 1.95 11.57
N PRO C 98 1.68 2.56 10.45
CA PRO C 98 0.28 2.43 10.03
C PRO C 98 -0.18 0.99 9.95
N GLY C 99 -1.39 0.77 10.41
CA GLY C 99 -1.96 -0.57 10.39
C GLY C 99 -1.67 -1.39 11.63
N THR C 100 -0.85 -0.90 12.54
CA THR C 100 -0.49 -1.67 13.74
C THR C 100 -0.94 -1.00 15.02
N PHE C 101 -1.92 -0.10 14.95
CA PHE C 101 -2.28 0.63 16.15
C PHE C 101 -3.14 -0.19 17.09
N GLY C 102 -3.78 -1.26 16.60
CA GLY C 102 -4.77 -1.98 17.37
C GLY C 102 -4.23 -2.69 18.61
N ASP C 103 -2.94 -2.99 18.66
CA ASP C 103 -2.35 -3.56 19.86
C ASP C 103 -1.69 -2.50 20.75
N ASN C 104 -2.02 -1.23 20.55
CA ASN C 104 -1.46 -0.14 21.34
C ASN C 104 -2.37 0.15 22.52
N SER C 105 -1.80 0.74 23.58
CA SER C 105 -2.56 1.14 24.76
C SER C 105 -1.86 2.28 25.48
N GLY C 106 -2.62 2.97 26.33
CA GLY C 106 -2.12 4.12 27.06
C GLY C 106 -2.33 5.43 26.30
N GLU C 107 -2.03 6.53 26.99
CA GLU C 107 -2.14 7.83 26.38
C GLU C 107 -1.09 8.75 27.00
N PHE C 108 -0.62 9.72 26.23
CA PHE C 108 0.21 10.79 26.76
C PHE C 108 -0.67 11.93 27.25
N GLN C 109 -0.20 12.65 28.27
CA GLN C 109 -0.84 13.88 28.72
C GLN C 109 -0.04 15.06 28.17
N VAL C 110 -0.69 15.91 27.37
CA VAL C 110 0.02 16.88 26.55
C VAL C 110 -0.56 18.26 26.78
N GLU C 111 0.31 19.26 26.82
CA GLU C 111 -0.06 20.66 26.94
C GLU C 111 0.52 21.43 25.77
N VAL C 112 -0.30 22.29 25.17
CA VAL C 112 0.10 23.11 24.03
C VAL C 112 -0.18 24.58 24.36
N ILE C 113 0.79 25.43 24.09
CA ILE C 113 0.63 26.87 24.19
C ILE C 113 0.94 27.51 22.85
N ILE C 114 0.03 28.35 22.38
CA ILE C 114 0.33 29.19 21.23
C ILE C 114 1.05 30.42 21.79
N GLU C 115 2.36 30.48 21.56
CA GLU C 115 3.16 31.52 22.17
C GLU C 115 2.96 32.84 21.46
N SER C 116 2.69 32.79 20.16
CA SER C 116 2.42 34.02 19.43
C SER C 116 1.72 33.69 18.12
N ARG C 117 0.93 34.66 17.66
CA ARG C 117 0.29 34.63 16.35
C ARG C 117 1.03 35.55 15.39
N TYR C 118 1.26 35.06 14.18
CA TYR C 118 2.15 35.73 13.24
C TYR C 118 1.77 37.19 13.05
N SER C 119 2.73 38.07 13.29
CA SER C 119 2.56 39.48 12.93
C SER C 119 3.95 40.04 12.70
N PRO C 120 4.31 40.43 11.48
CA PRO C 120 5.68 40.90 11.24
C PRO C 120 5.83 42.36 11.61
N LEU C 121 7.06 42.73 11.92
CA LEU C 121 7.41 44.14 11.86
C LEU C 121 7.23 44.63 10.44
N LYS C 122 6.68 45.82 10.31
CA LYS C 122 6.47 46.38 8.98
C LYS C 122 6.77 47.88 8.96
N ASP D 3 -10.62 3.34 -15.12
CA ASP D 3 -11.60 3.22 -14.05
C ASP D 3 -12.76 4.19 -14.30
N TRP D 4 -12.43 5.34 -14.88
CA TRP D 4 -13.44 6.29 -15.31
C TRP D 4 -12.93 7.00 -16.53
N SER D 5 -13.81 7.20 -17.50
CA SER D 5 -13.47 8.05 -18.62
C SER D 5 -14.69 8.87 -18.97
N GLY D 6 -14.46 10.12 -19.30
CA GLY D 6 -15.58 10.96 -19.69
C GLY D 6 -15.13 12.37 -19.97
N SER D 7 -16.10 13.24 -20.13
CA SER D 7 -15.82 14.59 -20.55
C SER D 7 -15.92 15.54 -19.36
N VAL D 8 -15.06 16.55 -19.36
CA VAL D 8 -15.08 17.60 -18.34
C VAL D 8 -15.40 18.92 -19.05
N PRO D 9 -16.63 19.41 -18.94
CA PRO D 9 -16.99 20.64 -19.65
C PRO D 9 -16.37 21.88 -19.01
N ALA D 10 -15.82 22.75 -19.86
CA ALA D 10 -15.25 24.01 -19.39
C ALA D 10 -16.29 24.90 -18.73
N ASN D 11 -17.57 24.74 -19.07
CA ASN D 11 -18.60 25.66 -18.58
C ASN D 11 -19.24 25.18 -17.29
N ALA D 12 -18.74 24.09 -16.69
CA ALA D 12 -19.33 23.50 -15.49
C ALA D 12 -18.60 24.05 -14.27
N GLU D 13 -19.21 25.03 -13.62
CA GLU D 13 -18.54 25.69 -12.50
C GLU D 13 -18.34 24.74 -11.33
N ASN D 14 -19.17 23.70 -11.24
CA ASN D 14 -19.09 22.67 -10.20
C ASN D 14 -18.21 21.49 -10.64
N GLY D 15 -17.71 21.50 -11.85
CA GLY D 15 -16.90 20.40 -12.32
C GLY D 15 -17.74 19.19 -12.70
N LYS D 16 -17.05 18.06 -12.82
CA LYS D 16 -17.66 16.81 -13.28
C LYS D 16 -17.34 15.75 -12.25
N SER D 17 -18.37 15.17 -11.63
CA SER D 17 -18.19 14.08 -10.69
C SER D 17 -17.85 12.79 -11.44
N THR D 18 -16.88 12.04 -10.92
CA THR D 18 -16.50 10.79 -11.54
C THR D 18 -17.15 9.56 -10.90
N GLY D 19 -17.73 9.70 -9.71
CA GLY D 19 -18.20 8.55 -8.98
C GLY D 19 -17.11 7.68 -8.39
N LEU D 20 -15.84 8.04 -8.56
CA LEU D 20 -14.74 7.33 -7.91
C LEU D 20 -14.57 7.85 -6.50
N ILE D 21 -14.73 6.96 -5.52
CA ILE D 21 -14.56 7.31 -4.12
C ILE D 21 -13.14 6.96 -3.70
N LEU D 22 -12.34 7.99 -3.47
CA LEU D 22 -10.93 7.81 -3.15
C LEU D 22 -10.71 7.89 -1.64
N LYS D 23 -9.68 7.17 -1.18
CA LYS D 23 -9.24 7.19 0.21
C LYS D 23 -7.79 7.65 0.29
N GLN D 24 -7.46 8.33 1.40
CA GLN D 24 -6.07 8.68 1.69
C GLN D 24 -5.18 7.45 1.49
N GLY D 25 -4.10 7.61 0.70
CA GLY D 25 -3.17 6.51 0.45
C GLY D 25 -3.44 5.69 -0.80
N ASP D 26 -4.62 5.79 -1.40
CA ASP D 26 -4.79 5.31 -2.77
C ASP D 26 -3.81 6.03 -3.68
N THR D 27 -3.49 5.43 -4.83
CA THR D 27 -2.76 6.13 -5.88
C THR D 27 -3.57 6.13 -7.18
N ILE D 28 -3.45 7.22 -7.93
CA ILE D 28 -4.19 7.40 -9.16
C ILE D 28 -3.28 7.91 -10.27
N SER D 29 -3.72 7.66 -11.50
CA SER D 29 -3.17 8.26 -12.69
C SER D 29 -4.29 8.89 -13.51
N VAL D 30 -3.96 9.97 -14.21
CA VAL D 30 -4.93 10.71 -15.02
C VAL D 30 -4.23 11.16 -16.30
N VAL D 31 -4.92 11.05 -17.43
CA VAL D 31 -4.51 11.77 -18.64
C VAL D 31 -5.71 12.54 -19.18
N ALA D 32 -5.44 13.73 -19.70
CA ALA D 32 -6.50 14.63 -20.15
C ALA D 32 -6.15 15.13 -21.54
N HIS D 33 -7.13 15.06 -22.45
CA HIS D 33 -6.99 15.43 -23.86
C HIS D 33 -7.93 16.55 -24.25
N GLY D 34 -7.58 17.24 -25.32
CA GLY D 34 -8.52 18.16 -25.92
C GLY D 34 -8.33 19.61 -25.52
N TRP D 35 -9.37 20.38 -25.83
CA TRP D 35 -9.30 21.83 -25.92
C TRP D 35 -10.62 22.43 -25.47
N VAL D 36 -10.54 23.58 -24.80
CA VAL D 36 -11.73 24.32 -24.38
C VAL D 36 -11.46 25.81 -24.60
N LYS D 37 -12.55 26.58 -24.54
CA LYS D 37 -12.48 28.04 -24.55
C LYS D 37 -12.84 28.53 -23.16
N TYR D 38 -12.04 29.46 -22.63
CA TYR D 38 -12.36 30.11 -21.36
C TYR D 38 -12.88 31.51 -21.60
N GLY D 39 -13.12 31.84 -22.87
CA GLY D 39 -13.78 33.09 -23.25
C GLY D 39 -14.10 33.05 -24.73
N ARG D 40 -14.81 34.09 -25.18
CA ARG D 40 -15.29 34.12 -26.56
C ARG D 40 -14.25 34.59 -27.56
N ASP D 41 -13.17 35.20 -27.11
CA ASP D 41 -12.16 35.71 -28.03
C ASP D 41 -11.41 34.56 -28.69
N ASN D 42 -10.89 34.83 -29.89
CA ASN D 42 -10.24 33.80 -30.67
C ASN D 42 -8.99 33.25 -29.98
N VAL D 43 -8.38 34.02 -29.08
CA VAL D 43 -7.14 33.59 -28.43
C VAL D 43 -7.40 32.77 -27.18
N GLU D 44 -8.63 32.71 -26.69
CA GLU D 44 -8.87 32.24 -25.33
C GLU D 44 -9.10 30.72 -25.30
N TRP D 45 -8.09 30.00 -25.78
CA TRP D 45 -8.04 28.54 -25.77
C TRP D 45 -7.22 28.03 -24.59
N ALA D 46 -7.59 26.87 -24.09
CA ALA D 46 -6.81 26.20 -23.05
C ALA D 46 -6.74 24.72 -23.33
N ALA D 47 -5.56 24.18 -23.10
CA ALA D 47 -5.37 22.74 -22.90
C ALA D 47 -5.52 22.43 -21.42
N PRO D 48 -5.59 21.15 -21.05
CA PRO D 48 -5.72 20.86 -19.61
C PRO D 48 -4.63 21.53 -18.79
N ASP D 49 -3.40 21.60 -19.33
CA ASP D 49 -2.28 22.29 -18.71
C ASP D 49 -2.54 23.78 -18.51
N GLY D 50 -3.51 24.34 -19.22
CA GLY D 50 -3.81 25.75 -19.05
C GLY D 50 -3.92 26.54 -20.34
N PRO D 51 -4.06 27.85 -20.21
CA PRO D 51 -4.20 28.70 -21.40
C PRO D 51 -2.98 28.59 -22.31
N VAL D 52 -3.24 28.66 -23.61
CA VAL D 52 -2.14 28.82 -24.57
C VAL D 52 -1.33 30.06 -24.18
N PRO D 53 0.01 30.00 -24.13
CA PRO D 53 0.76 31.05 -23.43
C PRO D 53 0.83 32.36 -24.15
N ASN D 54 0.15 32.54 -25.27
CA ASN D 54 0.02 33.88 -25.83
C ASN D 54 -1.13 34.67 -25.21
N ASN D 55 -1.62 34.24 -24.05
CA ASN D 55 -2.68 34.93 -23.31
C ASN D 55 -2.72 34.32 -21.92
N PRO D 56 -1.62 34.36 -21.17
CA PRO D 56 -1.58 33.68 -19.87
C PRO D 56 -2.56 34.27 -18.87
N GLN D 57 -2.91 33.45 -17.89
CA GLN D 57 -3.79 33.79 -16.78
C GLN D 57 -3.06 33.52 -15.48
N PRO D 58 -3.59 33.99 -14.33
CA PRO D 58 -2.95 33.68 -13.05
C PRO D 58 -2.75 32.19 -12.84
N SER D 59 -1.95 31.84 -11.84
CA SER D 59 -1.57 30.45 -11.59
C SER D 59 -2.80 29.56 -11.42
N SER D 60 -2.76 28.40 -12.08
CA SER D 60 -3.78 27.37 -11.95
C SER D 60 -5.12 27.76 -12.56
N ILE D 61 -5.26 28.99 -13.03
CA ILE D 61 -6.53 29.46 -13.56
C ILE D 61 -6.67 28.95 -14.98
N ALA D 62 -7.85 28.41 -15.29
CA ALA D 62 -8.11 27.79 -16.58
C ALA D 62 -7.19 26.59 -16.81
N THR D 63 -6.87 25.84 -15.75
CA THR D 63 -6.27 24.51 -15.86
C THR D 63 -7.23 23.45 -15.35
N LEU D 64 -6.99 22.21 -15.76
CA LEU D 64 -7.71 21.07 -15.18
C LEU D 64 -7.15 20.74 -13.80
N VAL D 65 -8.03 20.67 -12.80
CA VAL D 65 -7.65 20.28 -11.45
C VAL D 65 -8.55 19.16 -10.97
N ALA D 66 -8.10 18.47 -9.92
CA ALA D 66 -8.95 17.55 -9.17
C ALA D 66 -9.44 18.25 -7.91
N LYS D 67 -10.72 18.06 -7.61
CA LYS D 67 -11.32 18.46 -6.34
C LYS D 67 -11.62 17.20 -5.56
N ILE D 68 -11.09 17.09 -4.34
CA ILE D 68 -11.38 15.99 -3.44
C ILE D 68 -11.60 16.57 -2.05
N ALA D 69 -12.75 16.28 -1.45
CA ALA D 69 -13.08 16.87 -0.15
C ALA D 69 -12.97 18.39 -0.19
N ASN D 70 -13.41 18.97 -1.29
CA ASN D 70 -13.39 20.42 -1.49
C ASN D 70 -11.98 21.02 -1.36
N LYS D 71 -10.93 20.24 -1.62
CA LYS D 71 -9.60 20.81 -1.83
C LYS D 71 -9.16 20.50 -3.25
N LYS D 72 -8.41 21.43 -3.87
CA LYS D 72 -8.02 21.34 -5.28
C LYS D 72 -6.58 20.89 -5.41
N PHE D 73 -6.31 20.06 -6.43
CA PHE D 73 -5.01 19.49 -6.69
C PHE D 73 -4.74 19.63 -8.18
N ALA D 74 -3.49 19.93 -8.51
CA ALA D 74 -3.09 20.11 -9.91
C ALA D 74 -3.16 18.79 -10.65
N ILE D 75 -3.67 18.83 -11.89
CA ILE D 75 -3.69 17.66 -12.77
C ILE D 75 -3.13 18.06 -14.13
N GLY D 76 -3.73 19.07 -14.76
CA GLY D 76 -3.26 19.47 -16.07
C GLY D 76 -3.43 18.35 -17.07
N ASN D 77 -2.46 18.24 -17.99
CA ASN D 77 -2.51 17.19 -19.01
C ASN D 77 -2.46 15.80 -18.41
N GLY D 78 -2.00 15.65 -17.16
CA GLY D 78 -2.03 14.33 -16.54
C GLY D 78 -1.05 14.21 -15.39
N VAL D 79 -1.24 13.14 -14.63
CA VAL D 79 -0.34 12.78 -13.52
C VAL D 79 -0.24 11.26 -13.50
N LEU D 80 0.91 10.76 -13.02
CA LEU D 80 1.16 9.32 -12.93
C LEU D 80 1.40 8.87 -11.50
N HIS D 81 0.62 7.88 -11.05
CA HIS D 81 0.84 7.20 -9.77
C HIS D 81 1.00 8.17 -8.61
N LYS D 82 0.06 9.09 -8.48
CA LYS D 82 0.09 10.05 -7.38
C LYS D 82 -0.73 9.56 -6.19
N THR D 83 -0.23 9.84 -5.00
CA THR D 83 -0.91 9.46 -3.78
C THR D 83 -2.00 10.47 -3.44
N VAL D 84 -3.17 9.94 -3.09
CA VAL D 84 -4.34 10.72 -2.70
C VAL D 84 -4.17 11.13 -1.24
N PRO D 85 -4.19 12.42 -0.90
CA PRO D 85 -3.93 12.82 0.49
C PRO D 85 -5.16 13.01 1.36
N VAL D 86 -6.37 12.88 0.82
CA VAL D 86 -7.59 13.06 1.58
C VAL D 86 -8.67 12.15 1.00
N ASP D 87 -9.61 11.74 1.87
CA ASP D 87 -10.76 10.93 1.44
C ASP D 87 -11.79 11.78 0.69
N GLY D 88 -12.37 11.22 -0.37
CA GLY D 88 -13.46 11.93 -1.02
C GLY D 88 -13.73 11.43 -2.40
N GLU D 89 -14.90 11.81 -2.93
CA GLU D 89 -15.19 11.50 -4.33
C GLU D 89 -14.38 12.41 -5.24
N LEU D 90 -13.84 11.83 -6.31
CA LEU D 90 -13.03 12.61 -7.24
C LEU D 90 -13.93 13.42 -8.16
N ILE D 91 -13.79 14.74 -8.10
CA ILE D 91 -14.40 15.67 -9.05
C ILE D 91 -13.29 16.23 -9.92
N LEU D 92 -13.55 16.35 -11.22
CA LEU D 92 -12.64 17.00 -12.15
C LEU D 92 -13.24 18.33 -12.56
N LEU D 93 -12.41 19.37 -12.57
CA LEU D 93 -12.88 20.75 -12.68
C LEU D 93 -11.96 21.57 -13.58
N PHE D 94 -12.56 22.31 -14.52
CA PHE D 94 -11.81 23.35 -15.22
C PHE D 94 -11.78 24.57 -14.30
N ASN D 95 -10.61 24.88 -13.75
CA ASN D 95 -10.52 25.79 -12.61
C ASN D 95 -10.50 27.25 -13.08
N ASP D 96 -11.65 27.69 -13.56
CA ASP D 96 -11.80 29.05 -14.09
C ASP D 96 -12.30 29.97 -12.98
N VAL D 97 -12.45 31.25 -13.29
CA VAL D 97 -12.92 32.25 -12.32
C VAL D 97 -14.42 32.05 -12.07
N PRO D 98 -14.87 31.88 -10.83
CA PRO D 98 -16.31 31.70 -10.59
C PRO D 98 -17.10 32.87 -11.15
N GLY D 99 -18.32 32.57 -11.58
CA GLY D 99 -19.16 33.54 -12.25
C GLY D 99 -18.83 33.81 -13.71
N THR D 100 -17.70 33.30 -14.21
CA THR D 100 -17.31 33.52 -15.60
C THR D 100 -17.37 32.26 -16.43
N PHE D 101 -17.96 31.18 -15.90
CA PHE D 101 -18.04 29.95 -16.64
C PHE D 101 -19.02 30.02 -17.80
N GLY D 102 -19.94 31.01 -17.79
CA GLY D 102 -20.96 31.07 -18.81
C GLY D 102 -20.47 31.40 -20.21
N ASP D 103 -19.29 31.99 -20.33
CA ASP D 103 -18.70 32.23 -21.65
C ASP D 103 -17.64 31.18 -22.01
N ASN D 104 -17.61 30.07 -21.30
CA ASN D 104 -16.72 28.97 -21.65
C ASN D 104 -17.45 27.98 -22.56
N SER D 105 -16.67 27.16 -23.27
CA SER D 105 -17.24 26.18 -24.17
C SER D 105 -16.23 25.05 -24.37
N GLY D 106 -16.74 23.91 -24.84
CA GLY D 106 -15.91 22.75 -25.10
C GLY D 106 -15.72 21.92 -23.85
N GLU D 107 -15.04 20.79 -24.04
CA GLU D 107 -14.84 19.86 -22.94
C GLU D 107 -13.53 19.09 -23.18
N PHE D 108 -12.88 18.72 -22.08
CA PHE D 108 -11.73 17.82 -22.15
C PHE D 108 -12.24 16.37 -22.08
N GLN D 109 -11.49 15.48 -22.71
CA GLN D 109 -11.73 14.04 -22.61
C GLN D 109 -10.68 13.47 -21.65
N VAL D 110 -11.12 12.89 -20.53
CA VAL D 110 -10.24 12.55 -19.43
C VAL D 110 -10.38 11.07 -19.10
N GLU D 111 -9.26 10.45 -18.76
CA GLU D 111 -9.22 9.08 -18.27
C GLU D 111 -8.57 9.04 -16.89
N VAL D 112 -9.16 8.28 -15.98
CA VAL D 112 -8.64 8.12 -14.63
C VAL D 112 -8.47 6.64 -14.34
N ILE D 113 -7.31 6.28 -13.80
CA ILE D 113 -7.08 4.92 -13.31
C ILE D 113 -6.75 4.97 -11.83
N ILE D 114 -7.42 4.13 -11.05
CA ILE D 114 -7.04 3.91 -9.64
C ILE D 114 -5.94 2.86 -9.68
N GLU D 115 -4.69 3.32 -9.51
CA GLU D 115 -3.54 2.44 -9.61
C GLU D 115 -3.48 1.46 -8.45
N SER D 116 -3.84 1.91 -7.25
CA SER D 116 -3.89 1.02 -6.10
C SER D 116 -4.78 1.61 -5.03
N ARG D 117 -5.33 0.71 -4.22
CA ARG D 117 -6.09 1.04 -3.02
C ARG D 117 -5.19 0.86 -1.81
N TYR D 118 -5.20 1.84 -0.92
CA TYR D 118 -4.33 1.88 0.25
C TYR D 118 -4.31 0.56 1.02
N SER D 119 -3.10 0.05 1.24
CA SER D 119 -2.87 -1.08 2.12
C SER D 119 -1.45 -0.96 2.68
N PRO D 120 -1.28 -0.96 3.97
CA PRO D 120 0.06 -0.75 4.47
C PRO D 120 0.92 -1.96 4.54
N LEU D 121 2.22 -1.76 4.39
CA LEU D 121 3.16 -2.79 4.58
C LEU D 121 3.37 -2.73 6.10
N LYS D 122 3.10 -3.82 6.75
CA LYS D 122 3.26 -3.85 8.19
C LYS D 122 3.83 -5.11 8.76
#